data_2P1D
#
_entry.id   2P1D
#
_cell.length_a   112.198
_cell.length_b   112.198
_cell.length_c   56.462
_cell.angle_alpha   90.00
_cell.angle_beta   90.00
_cell.angle_gamma   120.00
#
_symmetry.space_group_name_H-M   'P 31 2 1'
#
loop_
_entity.id
_entity.type
_entity.pdbx_description
1 polymer 'type II methyltransferase'
2 non-polymer 'SULFATE ION'
3 non-polymer S-ADENOSYL-L-HOMOCYSTEINE
4 non-polymer "GUANOSINE-5'-MONOPHOSPHATE"
5 water water
#
_entity_poly.entity_id   1
_entity_poly.type   'polypeptide(L)'
_entity_poly.pdbx_seq_one_letter_code
;MRGSHHHHHHGSNIGETLGEKWKSRLNALGKSEFQIYKKSGIQEVDRTLAKEGIKRGETDHHAVSRGSAKLRWFVERNLV
TPEGKVVDLGCGRGGWSYYCGGLKNVREVKGLTKGGPGHEEPIPMSTYGWNLVRLQSGVDVFFIPPERCDTLLCDIGESS
PNPTVEAGRTLRVLNLVENWLSNNTQFCVKVLNPYMSSVIEKMEALQRKHGGALVRNPLSRNSTHEMYWVSNASGNIVSS
VNMISRMLINRFTMRHKKATYEPDVDLGSGTRNIGIESETPNLDIIGKRIEKIKQEHETSWHYDQ
;
_entity_poly.pdbx_strand_id   A
#
# COMPACT_ATOMS: atom_id res chain seq x y z
N GLU A 16 -20.40 -7.90 17.10
CA GLU A 16 -20.01 -6.75 16.24
C GLU A 16 -18.70 -6.09 16.67
N THR A 17 -17.67 -6.24 15.84
CA THR A 17 -16.36 -5.66 16.14
C THR A 17 -16.38 -4.13 16.12
N LEU A 18 -15.46 -3.55 16.89
CA LEU A 18 -15.30 -2.11 17.01
C LEU A 18 -15.18 -1.44 15.65
N GLY A 19 -14.38 -2.05 14.76
CA GLY A 19 -14.16 -1.51 13.44
C GLY A 19 -15.43 -1.36 12.62
N GLU A 20 -16.42 -2.21 12.88
CA GLU A 20 -17.68 -2.16 12.17
C GLU A 20 -18.49 -0.96 12.66
N LYS A 21 -18.43 -0.73 13.95
CA LYS A 21 -19.11 0.41 14.60
C LYS A 21 -18.65 1.69 13.88
N TRP A 22 -17.36 1.70 13.51
CA TRP A 22 -16.71 2.81 12.81
C TRP A 22 -17.21 2.92 11.36
N LYS A 23 -17.09 1.81 10.64
CA LYS A 23 -17.49 1.73 9.22
C LYS A 23 -18.89 2.29 9.00
N SER A 24 -19.78 2.04 9.96
CA SER A 24 -21.14 2.54 9.87
C SER A 24 -21.16 4.05 10.06
N ARG A 25 -20.52 4.54 11.11
CA ARG A 25 -20.51 5.98 11.32
C ARG A 25 -19.89 6.59 10.08
N LEU A 26 -18.82 5.99 9.59
CA LEU A 26 -18.17 6.50 8.40
C LEU A 26 -19.25 6.70 7.35
N ASN A 27 -19.98 5.63 7.06
CA ASN A 27 -21.06 5.68 6.07
C ASN A 27 -22.21 6.64 6.40
N ALA A 28 -22.51 6.84 7.68
CA ALA A 28 -23.58 7.75 8.07
C ALA A 28 -23.14 9.20 7.92
N LEU A 29 -22.02 9.43 7.22
CA LEU A 29 -21.47 10.76 7.02
C LEU A 29 -21.98 11.46 5.77
N GLY A 30 -22.07 12.79 5.85
CA GLY A 30 -22.54 13.58 4.74
C GLY A 30 -21.43 13.99 3.78
N LYS A 31 -21.84 14.51 2.63
CA LYS A 31 -20.92 14.95 1.59
C LYS A 31 -19.76 15.78 2.13
N SER A 32 -20.07 16.93 2.73
CA SER A 32 -19.06 17.82 3.27
C SER A 32 -18.31 17.17 4.44
N GLU A 33 -19.06 16.57 5.36
CA GLU A 33 -18.49 15.90 6.53
C GLU A 33 -17.41 14.90 6.16
N PHE A 34 -17.81 13.86 5.43
CA PHE A 34 -16.89 12.84 4.99
C PHE A 34 -15.58 13.40 4.45
N GLN A 35 -15.67 14.28 3.46
CA GLN A 35 -14.47 14.86 2.87
C GLN A 35 -13.56 15.48 3.94
N ILE A 36 -14.15 16.13 4.94
CA ILE A 36 -13.36 16.74 6.00
C ILE A 36 -12.71 15.67 6.88
N TYR A 37 -13.50 14.70 7.30
CA TYR A 37 -13.01 13.62 8.13
C TYR A 37 -11.93 12.85 7.41
N LYS A 38 -12.15 12.58 6.12
CA LYS A 38 -11.18 11.83 5.32
C LYS A 38 -9.73 12.28 5.54
N LYS A 39 -9.53 13.53 5.90
CA LYS A 39 -8.18 14.00 6.10
C LYS A 39 -7.91 14.72 7.40
N SER A 40 -8.78 14.59 8.40
CA SER A 40 -8.57 15.27 9.67
C SER A 40 -7.26 14.78 10.29
N GLY A 41 -6.32 15.70 10.50
CA GLY A 41 -5.04 15.35 11.10
C GLY A 41 -4.29 14.13 10.58
N ILE A 42 -4.05 14.05 9.28
CA ILE A 42 -3.32 12.91 8.72
C ILE A 42 -2.07 13.50 8.08
N GLN A 43 -1.20 12.65 7.52
CA GLN A 43 0.01 13.16 6.87
C GLN A 43 -0.25 13.16 5.37
N GLU A 44 0.26 14.16 4.68
CA GLU A 44 0.08 14.26 3.23
C GLU A 44 1.40 14.50 2.51
N VAL A 45 1.43 14.16 1.23
CA VAL A 45 2.60 14.35 0.41
C VAL A 45 2.30 15.55 -0.48
N ASP A 46 3.24 16.47 -0.57
CA ASP A 46 3.08 17.65 -1.42
C ASP A 46 3.35 17.24 -2.86
N ARG A 47 2.29 16.90 -3.61
CA ARG A 47 2.45 16.44 -4.99
C ARG A 47 2.17 17.41 -6.13
N THR A 48 1.78 18.64 -5.82
CA THR A 48 1.47 19.62 -6.85
C THR A 48 2.50 19.69 -7.98
N LEU A 49 3.66 20.25 -7.72
CA LEU A 49 4.67 20.34 -8.78
C LEU A 49 5.05 19.01 -9.42
N ALA A 50 5.07 17.93 -8.65
CA ALA A 50 5.45 16.63 -9.20
C ALA A 50 4.42 16.19 -10.23
N LYS A 51 3.15 16.44 -9.96
CA LYS A 51 2.08 16.08 -10.88
C LYS A 51 2.17 16.95 -12.13
N GLU A 52 2.55 18.21 -11.98
CA GLU A 52 2.66 19.11 -13.12
C GLU A 52 3.86 18.76 -13.99
N GLY A 53 4.95 18.34 -13.36
CA GLY A 53 6.14 17.98 -14.11
C GLY A 53 5.83 16.76 -14.95
N ILE A 54 4.98 15.89 -14.43
CA ILE A 54 4.60 14.68 -15.14
C ILE A 54 3.62 14.98 -16.27
N LYS A 55 2.55 15.70 -15.96
CA LYS A 55 1.59 16.03 -17.01
C LYS A 55 2.32 16.79 -18.11
N ARG A 56 3.54 17.22 -17.81
CA ARG A 56 4.33 18.00 -18.74
C ARG A 56 5.23 17.07 -19.54
N GLY A 57 5.33 15.82 -19.12
CA GLY A 57 6.15 14.88 -19.86
C GLY A 57 7.48 14.52 -19.25
N GLU A 58 7.80 15.10 -18.09
CA GLU A 58 9.07 14.81 -17.40
C GLU A 58 9.11 13.37 -16.90
N THR A 59 10.28 12.73 -17.01
CA THR A 59 10.41 11.35 -16.57
C THR A 59 11.48 11.18 -15.50
N ASP A 60 12.12 12.29 -15.10
CA ASP A 60 13.16 12.28 -14.09
C ASP A 60 12.70 12.86 -12.74
N HIS A 61 13.24 12.30 -11.66
CA HIS A 61 12.91 12.76 -10.31
C HIS A 61 11.51 12.46 -9.79
N HIS A 62 10.48 12.82 -10.54
CA HIS A 62 9.09 12.64 -10.11
C HIS A 62 8.63 11.22 -9.76
N ALA A 63 7.62 11.15 -8.89
CA ALA A 63 7.02 9.88 -8.49
C ALA A 63 5.70 9.82 -9.26
N VAL A 64 5.45 8.70 -9.93
CA VAL A 64 4.23 8.56 -10.72
C VAL A 64 2.96 8.66 -9.87
N SER A 65 3.08 8.44 -8.56
CA SER A 65 1.92 8.53 -7.68
C SER A 65 2.38 8.88 -6.27
N ARG A 66 1.46 8.83 -5.31
CA ARG A 66 1.83 9.11 -3.94
C ARG A 66 2.17 7.81 -3.20
N GLY A 67 2.14 6.69 -3.94
CA GLY A 67 2.46 5.41 -3.33
C GLY A 67 3.95 5.30 -3.05
N SER A 68 4.75 6.02 -3.83
CA SER A 68 6.19 6.02 -3.64
C SER A 68 6.43 6.46 -2.19
N ALA A 69 5.94 7.64 -1.85
CA ALA A 69 6.06 8.18 -0.51
C ALA A 69 5.54 7.18 0.52
N LYS A 70 4.38 6.61 0.25
CA LYS A 70 3.76 5.65 1.16
C LYS A 70 4.63 4.45 1.45
N LEU A 71 5.26 3.91 0.41
CA LEU A 71 6.14 2.76 0.55
C LEU A 71 7.36 3.22 1.37
N ARG A 72 7.93 4.35 0.96
CA ARG A 72 9.10 4.94 1.61
C ARG A 72 8.98 4.94 3.11
N TRP A 73 7.79 5.23 3.61
CA TRP A 73 7.54 5.26 5.04
C TRP A 73 7.87 3.93 5.69
N PHE A 74 7.40 2.83 5.11
CA PHE A 74 7.66 1.50 5.66
C PHE A 74 9.13 1.13 5.48
N VAL A 75 9.68 1.44 4.31
CA VAL A 75 11.06 1.09 3.99
C VAL A 75 12.12 1.79 4.86
N GLU A 76 11.95 3.08 5.10
CA GLU A 76 12.94 3.80 5.89
C GLU A 76 12.77 3.57 7.41
N ARG A 77 11.98 2.57 7.77
CA ARG A 77 11.77 2.21 9.18
C ARG A 77 11.98 0.71 9.27
N ASN A 78 12.67 0.18 8.26
CA ASN A 78 12.97 -1.24 8.16
C ASN A 78 11.82 -2.17 8.49
N LEU A 79 10.59 -1.70 8.30
CA LEU A 79 9.43 -2.53 8.53
C LEU A 79 9.36 -3.49 7.32
N VAL A 80 10.02 -3.07 6.24
CA VAL A 80 10.12 -3.84 4.98
C VAL A 80 11.44 -3.41 4.36
N THR A 81 12.30 -4.38 4.04
CA THR A 81 13.61 -4.09 3.45
C THR A 81 13.73 -4.77 2.08
N PRO A 82 13.21 -4.12 1.03
CA PRO A 82 13.26 -4.66 -0.33
C PRO A 82 14.64 -4.95 -0.90
N GLU A 83 14.88 -6.21 -1.28
CA GLU A 83 16.16 -6.61 -1.83
C GLU A 83 16.04 -7.71 -2.90
N GLY A 84 17.00 -7.72 -3.82
CA GLY A 84 17.01 -8.72 -4.87
C GLY A 84 15.90 -8.59 -5.89
N LYS A 85 15.20 -9.71 -6.12
CA LYS A 85 14.08 -9.78 -7.07
C LYS A 85 12.82 -9.30 -6.38
N VAL A 86 12.28 -8.19 -6.84
CA VAL A 86 11.08 -7.66 -6.23
C VAL A 86 9.87 -7.80 -7.15
N VAL A 87 8.80 -8.40 -6.63
CA VAL A 87 7.57 -8.58 -7.41
C VAL A 87 6.52 -7.63 -6.84
N ASP A 88 6.06 -6.70 -7.66
CA ASP A 88 5.07 -5.71 -7.23
C ASP A 88 3.68 -6.04 -7.81
N LEU A 89 2.85 -6.72 -7.03
CA LEU A 89 1.49 -7.11 -7.43
C LEU A 89 0.48 -5.97 -7.38
N GLY A 90 0.06 -5.50 -8.55
CA GLY A 90 -0.88 -4.40 -8.64
C GLY A 90 -0.07 -3.11 -8.57
N CYS A 91 1.00 -3.07 -9.35
CA CYS A 91 1.92 -1.94 -9.41
C CYS A 91 1.29 -0.60 -9.77
N GLY A 92 0.10 -0.63 -10.35
CA GLY A 92 -0.59 0.59 -10.73
C GLY A 92 0.26 1.33 -11.73
N ARG A 93 0.47 2.61 -11.50
CA ARG A 93 1.29 3.42 -12.40
C ARG A 93 2.78 3.15 -12.27
N GLY A 94 3.20 2.58 -11.14
CA GLY A 94 4.61 2.27 -10.92
C GLY A 94 5.21 2.79 -9.62
N GLY A 95 4.40 3.48 -8.82
CA GLY A 95 4.85 4.05 -7.56
C GLY A 95 5.76 3.23 -6.66
N TRP A 96 5.36 2.00 -6.33
CA TRP A 96 6.20 1.19 -5.45
C TRP A 96 7.36 0.61 -6.20
N SER A 97 7.14 0.29 -7.47
CA SER A 97 8.18 -0.32 -8.29
C SER A 97 9.33 0.62 -8.60
N TYR A 98 9.03 1.81 -9.08
CA TYR A 98 10.06 2.78 -9.41
C TYR A 98 10.83 3.19 -8.18
N TYR A 99 10.16 3.13 -7.03
CA TYR A 99 10.80 3.48 -5.77
C TYR A 99 11.77 2.37 -5.38
N CYS A 100 11.35 1.11 -5.50
CA CYS A 100 12.22 -0.01 -5.17
C CYS A 100 13.37 -0.06 -6.16
N GLY A 101 13.13 0.47 -7.37
CA GLY A 101 14.15 0.46 -8.40
C GLY A 101 15.38 1.28 -8.07
N GLY A 102 15.33 2.04 -6.97
CA GLY A 102 16.48 2.85 -6.59
C GLY A 102 17.15 2.40 -5.31
N LEU A 103 16.55 1.41 -4.64
CA LEU A 103 17.11 0.90 -3.39
C LEU A 103 18.37 0.05 -3.58
N LYS A 104 19.38 0.34 -2.76
CA LYS A 104 20.64 -0.38 -2.80
C LYS A 104 20.41 -1.83 -3.18
N ASN A 105 20.08 -2.65 -2.19
CA ASN A 105 20.17 -4.10 -2.36
C ASN A 105 19.25 -4.71 -3.42
N VAL A 106 18.54 -3.87 -4.17
CA VAL A 106 17.61 -4.38 -5.18
C VAL A 106 18.29 -4.63 -6.52
N ARG A 107 18.04 -5.81 -7.08
CA ARG A 107 18.63 -6.18 -8.38
C ARG A 107 17.62 -6.07 -9.51
N GLU A 108 16.43 -6.61 -9.29
CA GLU A 108 15.37 -6.60 -10.28
C GLU A 108 14.00 -6.36 -9.66
N VAL A 109 13.17 -5.61 -10.37
CA VAL A 109 11.82 -5.30 -9.90
C VAL A 109 10.85 -5.54 -11.04
N LYS A 110 9.92 -6.47 -10.82
CA LYS A 110 8.89 -6.78 -11.81
C LYS A 110 7.53 -6.46 -11.19
N GLY A 111 6.86 -5.46 -11.76
CA GLY A 111 5.55 -5.06 -11.26
C GLY A 111 4.45 -5.43 -12.24
N LEU A 112 3.31 -5.87 -11.72
CA LEU A 112 2.20 -6.31 -12.56
C LEU A 112 0.86 -5.67 -12.23
N THR A 113 0.07 -5.34 -13.24
CA THR A 113 -1.26 -4.75 -13.01
C THR A 113 -2.26 -5.05 -14.10
N LYS A 114 -3.53 -4.86 -13.78
CA LYS A 114 -4.61 -5.09 -14.73
C LYS A 114 -4.52 -3.98 -15.78
N GLY A 115 -4.58 -2.72 -15.32
CA GLY A 115 -4.50 -1.61 -16.24
C GLY A 115 -5.70 -1.53 -17.17
N GLY A 116 -5.49 -1.03 -18.38
CA GLY A 116 -6.57 -0.92 -19.34
C GLY A 116 -7.58 0.17 -19.04
N PRO A 117 -8.59 0.38 -19.93
CA PRO A 117 -9.58 1.43 -19.69
C PRO A 117 -10.19 1.32 -18.30
N GLY A 118 -10.31 2.46 -17.63
CA GLY A 118 -10.89 2.47 -16.31
C GLY A 118 -9.96 1.98 -15.20
N HIS A 119 -8.66 1.91 -15.49
CA HIS A 119 -7.69 1.47 -14.51
C HIS A 119 -6.34 2.15 -14.71
N GLU A 120 -5.62 2.37 -13.62
CA GLU A 120 -4.31 3.00 -13.70
C GLU A 120 -3.34 2.16 -14.52
N GLU A 121 -2.71 2.80 -15.51
CA GLU A 121 -1.76 2.15 -16.37
C GLU A 121 -0.36 2.62 -16.06
N PRO A 122 0.61 1.69 -16.05
CA PRO A 122 2.01 2.04 -15.76
C PRO A 122 2.58 3.20 -16.59
N ILE A 123 3.22 4.14 -15.92
CA ILE A 123 3.81 5.30 -16.57
C ILE A 123 5.29 5.09 -16.78
N PRO A 124 5.77 5.17 -18.04
CA PRO A 124 7.21 4.98 -18.26
C PRO A 124 8.01 6.14 -17.68
N MET A 125 9.01 5.82 -16.87
CA MET A 125 9.84 6.84 -16.24
C MET A 125 11.31 6.48 -16.40
N SER A 126 12.18 7.47 -16.18
CA SER A 126 13.61 7.25 -16.28
C SER A 126 14.27 7.60 -14.95
N THR A 127 13.47 7.57 -13.89
CA THR A 127 13.97 7.84 -12.55
C THR A 127 15.08 6.85 -12.21
N TYR A 128 15.96 7.23 -11.28
CA TYR A 128 17.08 6.37 -10.93
C TYR A 128 16.72 4.89 -10.75
N GLY A 129 17.49 4.06 -11.44
CA GLY A 129 17.31 2.63 -11.37
C GLY A 129 16.21 2.11 -12.28
N TRP A 130 15.60 3.00 -13.06
CA TRP A 130 14.51 2.61 -13.95
C TRP A 130 14.82 1.41 -14.83
N ASN A 131 16.07 1.31 -15.26
CA ASN A 131 16.51 0.22 -16.12
C ASN A 131 16.43 -1.14 -15.43
N LEU A 132 16.12 -1.16 -14.15
CA LEU A 132 16.01 -2.42 -13.42
C LEU A 132 14.54 -2.73 -13.21
N VAL A 133 13.67 -1.87 -13.77
CA VAL A 133 12.24 -2.04 -13.57
C VAL A 133 11.43 -2.45 -14.81
N ARG A 134 10.70 -3.56 -14.65
CA ARG A 134 9.83 -4.13 -15.68
C ARG A 134 8.40 -3.97 -15.21
N LEU A 135 7.60 -3.24 -15.98
CA LEU A 135 6.20 -2.98 -15.64
C LEU A 135 5.27 -3.47 -16.75
N GLN A 136 4.26 -4.27 -16.40
CA GLN A 136 3.32 -4.76 -17.41
C GLN A 136 1.86 -4.84 -16.95
N SER A 137 0.98 -4.26 -17.77
CA SER A 137 -0.46 -4.25 -17.49
C SER A 137 -1.15 -5.38 -18.23
N GLY A 138 -2.47 -5.40 -18.17
CA GLY A 138 -3.23 -6.45 -18.82
C GLY A 138 -3.02 -7.79 -18.14
N VAL A 139 -2.52 -7.77 -16.90
CA VAL A 139 -2.26 -8.96 -16.12
C VAL A 139 -3.17 -9.03 -14.91
N ASP A 140 -3.83 -10.17 -14.70
CA ASP A 140 -4.69 -10.35 -13.52
C ASP A 140 -3.88 -11.27 -12.62
N VAL A 141 -3.25 -10.71 -11.60
CA VAL A 141 -2.42 -11.49 -10.69
C VAL A 141 -3.12 -12.65 -9.97
N PHE A 142 -4.42 -12.54 -9.74
CA PHE A 142 -5.14 -13.61 -9.05
C PHE A 142 -5.11 -14.94 -9.76
N PHE A 143 -4.67 -14.97 -11.02
CA PHE A 143 -4.67 -16.23 -11.77
C PHE A 143 -3.34 -16.69 -12.39
N ILE A 144 -2.48 -15.78 -12.80
CA ILE A 144 -1.20 -16.19 -13.35
C ILE A 144 -0.53 -17.06 -12.27
N PRO A 145 0.45 -17.87 -12.65
CA PRO A 145 1.13 -18.72 -11.65
C PRO A 145 2.19 -17.97 -10.87
N PRO A 146 2.45 -18.39 -9.63
CA PRO A 146 3.46 -17.76 -8.77
C PRO A 146 4.88 -17.84 -9.31
N GLU A 147 5.59 -16.73 -9.21
CA GLU A 147 6.98 -16.61 -9.65
C GLU A 147 7.83 -16.69 -8.39
N ARG A 148 9.15 -16.57 -8.55
CA ARG A 148 10.08 -16.61 -7.42
C ARG A 148 10.38 -15.15 -7.08
N CYS A 149 10.59 -14.86 -5.78
CA CYS A 149 10.87 -13.48 -5.37
C CYS A 149 11.45 -13.38 -3.96
N ASP A 150 12.38 -12.44 -3.78
CA ASP A 150 13.00 -12.20 -2.47
C ASP A 150 12.11 -11.29 -1.64
N THR A 151 11.48 -10.33 -2.28
CA THR A 151 10.56 -9.44 -1.60
C THR A 151 9.26 -9.45 -2.39
N LEU A 152 8.15 -9.48 -1.67
CA LEU A 152 6.83 -9.50 -2.30
C LEU A 152 6.00 -8.31 -1.83
N LEU A 153 5.74 -7.37 -2.74
CA LEU A 153 4.93 -6.20 -2.42
C LEU A 153 3.58 -6.38 -3.07
N CYS A 154 2.53 -5.89 -2.41
CA CYS A 154 1.18 -5.99 -2.96
C CYS A 154 0.31 -4.88 -2.36
N ASP A 155 -0.30 -4.08 -3.22
CA ASP A 155 -1.13 -2.96 -2.80
C ASP A 155 -2.51 -3.03 -3.46
N ILE A 156 -3.04 -4.24 -3.53
CA ILE A 156 -4.34 -4.53 -4.16
C ILE A 156 -5.49 -4.58 -3.17
N GLY A 157 -6.59 -3.89 -3.47
CA GLY A 157 -7.74 -3.90 -2.57
C GLY A 157 -8.72 -2.75 -2.76
N GLU A 158 -9.84 -3.03 -3.42
CA GLU A 158 -10.86 -2.01 -3.68
C GLU A 158 -11.84 -1.82 -2.52
N SER A 159 -12.02 -0.57 -2.11
CA SER A 159 -12.92 -0.27 -1.00
C SER A 159 -14.39 -0.28 -1.38
N SER A 160 -15.19 -0.94 -0.54
CA SER A 160 -16.63 -1.05 -0.73
C SER A 160 -17.36 -0.56 0.51
N PRO A 161 -18.43 0.21 0.33
CA PRO A 161 -19.22 0.74 1.45
C PRO A 161 -19.70 -0.44 2.30
N ASN A 162 -19.62 -1.62 1.70
CA ASN A 162 -20.04 -2.85 2.35
C ASN A 162 -18.84 -3.59 2.97
N PRO A 163 -18.75 -3.58 4.30
CA PRO A 163 -17.68 -4.23 5.06
C PRO A 163 -17.45 -5.70 4.75
N THR A 164 -18.53 -6.43 4.43
CA THR A 164 -18.37 -7.85 4.13
C THR A 164 -17.76 -8.01 2.74
N VAL A 165 -18.05 -7.06 1.84
CA VAL A 165 -17.47 -7.11 0.50
C VAL A 165 -15.95 -6.95 0.67
N GLU A 166 -15.54 -5.92 1.42
CA GLU A 166 -14.13 -5.69 1.66
C GLU A 166 -13.43 -6.92 2.22
N ALA A 167 -14.00 -7.51 3.28
CA ALA A 167 -13.40 -8.70 3.88
C ALA A 167 -13.14 -9.80 2.85
N GLY A 168 -14.10 -9.99 1.94
CA GLY A 168 -13.96 -10.99 0.89
C GLY A 168 -12.82 -10.63 -0.03
N ARG A 169 -12.72 -9.34 -0.34
CA ARG A 169 -11.64 -8.86 -1.20
C ARG A 169 -10.30 -9.03 -0.49
N THR A 170 -10.30 -8.80 0.82
CA THR A 170 -9.07 -8.94 1.58
C THR A 170 -8.64 -10.41 1.66
N LEU A 171 -9.59 -11.33 1.83
CA LEU A 171 -9.22 -12.73 1.89
C LEU A 171 -8.63 -13.19 0.57
N ARG A 172 -9.20 -12.73 -0.54
CA ARG A 172 -8.67 -13.11 -1.85
C ARG A 172 -7.22 -12.67 -1.94
N VAL A 173 -6.93 -11.48 -1.43
CA VAL A 173 -5.59 -10.97 -1.48
C VAL A 173 -4.62 -11.73 -0.59
N LEU A 174 -5.06 -12.11 0.61
CA LEU A 174 -4.18 -12.84 1.52
C LEU A 174 -3.74 -14.18 0.92
N ASN A 175 -4.71 -14.96 0.47
CA ASN A 175 -4.40 -16.25 -0.13
C ASN A 175 -3.52 -16.04 -1.34
N LEU A 176 -3.79 -14.98 -2.09
CA LEU A 176 -2.99 -14.65 -3.27
C LEU A 176 -1.51 -14.58 -2.88
N VAL A 177 -1.18 -13.68 -1.96
CA VAL A 177 0.21 -13.53 -1.55
C VAL A 177 0.74 -14.78 -0.83
N GLU A 178 -0.16 -15.55 -0.24
CA GLU A 178 0.27 -16.74 0.47
C GLU A 178 1.02 -17.66 -0.48
N ASN A 179 0.62 -17.64 -1.75
CA ASN A 179 1.25 -18.47 -2.77
C ASN A 179 2.57 -17.94 -3.31
N TRP A 180 2.90 -16.70 -2.95
CA TRP A 180 4.13 -16.07 -3.44
C TRP A 180 5.18 -15.98 -2.34
N LEU A 181 4.79 -16.31 -1.12
CA LEU A 181 5.67 -16.20 0.03
C LEU A 181 6.45 -17.51 0.24
N SER A 182 7.75 -17.47 -0.05
CA SER A 182 8.66 -18.51 0.42
C SER A 182 9.18 -18.05 1.77
N ASN A 183 10.27 -18.65 2.21
CA ASN A 183 10.65 -18.88 3.61
C ASN A 183 11.01 -17.58 4.33
N ASN A 184 12.00 -16.87 3.80
CA ASN A 184 12.40 -15.58 4.35
C ASN A 184 12.28 -14.46 3.33
N THR A 185 11.09 -14.31 2.75
CA THR A 185 10.84 -13.26 1.80
C THR A 185 10.33 -11.99 2.48
N GLN A 186 10.88 -10.85 2.05
CA GLN A 186 10.49 -9.55 2.58
C GLN A 186 9.13 -9.20 2.00
N PHE A 187 8.24 -8.65 2.81
CA PHE A 187 6.93 -8.32 2.28
C PHE A 187 6.19 -7.13 2.90
N CYS A 188 5.36 -6.52 2.06
CA CYS A 188 4.54 -5.38 2.42
C CYS A 188 3.24 -5.59 1.66
N VAL A 189 2.22 -6.08 2.37
CA VAL A 189 0.95 -6.37 1.74
C VAL A 189 -0.23 -5.63 2.33
N LYS A 190 -0.86 -4.81 1.49
CA LYS A 190 -2.01 -4.03 1.91
C LYS A 190 -3.12 -4.97 2.38
N VAL A 191 -3.62 -4.72 3.58
CA VAL A 191 -4.72 -5.49 4.12
C VAL A 191 -5.85 -4.49 4.30
N LEU A 192 -6.58 -4.31 3.21
CA LEU A 192 -7.72 -3.41 3.10
C LEU A 192 -8.64 -3.35 4.31
N ASN A 193 -9.23 -4.49 4.67
CA ASN A 193 -10.14 -4.56 5.81
C ASN A 193 -9.64 -5.60 6.82
N PRO A 194 -8.85 -5.18 7.82
CA PRO A 194 -8.33 -6.10 8.82
C PRO A 194 -9.19 -6.29 10.07
N TYR A 195 -10.30 -5.56 10.17
CA TYR A 195 -11.15 -5.66 11.35
C TYR A 195 -12.25 -6.69 11.28
N MET A 196 -12.68 -7.04 10.07
CA MET A 196 -13.74 -8.02 9.89
C MET A 196 -13.34 -9.37 10.47
N SER A 197 -14.15 -9.89 11.38
CA SER A 197 -13.87 -11.16 12.04
C SER A 197 -12.96 -12.03 11.18
N SER A 198 -13.35 -12.24 9.92
CA SER A 198 -12.87 -13.37 9.14
C SER A 198 -11.46 -13.11 8.62
N VAL A 199 -11.13 -11.84 8.41
CA VAL A 199 -9.79 -11.46 7.97
C VAL A 199 -8.87 -11.55 9.18
N ILE A 200 -9.40 -11.24 10.36
CA ILE A 200 -8.63 -11.33 11.59
C ILE A 200 -8.12 -12.76 11.74
N GLU A 201 -9.00 -13.72 11.48
CA GLU A 201 -8.66 -15.14 11.60
C GLU A 201 -7.54 -15.49 10.64
N LYS A 202 -7.78 -15.29 9.36
CA LYS A 202 -6.79 -15.60 8.33
C LYS A 202 -5.44 -14.98 8.69
N MET A 203 -5.47 -13.71 9.07
CA MET A 203 -4.24 -13.00 9.44
C MET A 203 -3.46 -13.71 10.53
N GLU A 204 -4.17 -14.18 11.56
CA GLU A 204 -3.52 -14.86 12.68
C GLU A 204 -2.77 -16.08 12.22
N ALA A 205 -3.33 -16.79 11.25
CA ALA A 205 -2.69 -17.96 10.69
C ALA A 205 -1.45 -17.48 9.92
N LEU A 206 -1.68 -16.57 8.96
CA LEU A 206 -0.61 -16.03 8.15
C LEU A 206 0.56 -15.57 8.99
N GLN A 207 0.28 -14.97 10.14
CA GLN A 207 1.33 -14.51 11.02
C GLN A 207 2.16 -15.70 11.51
N ARG A 208 1.46 -16.74 11.97
CA ARG A 208 2.11 -17.96 12.44
C ARG A 208 3.05 -18.53 11.39
N LYS A 209 2.60 -18.53 10.14
CA LYS A 209 3.42 -19.05 9.06
C LYS A 209 4.57 -18.13 8.63
N HIS A 210 4.31 -16.83 8.53
CA HIS A 210 5.30 -15.88 8.02
C HIS A 210 5.33 -14.56 8.80
N GLY A 211 5.21 -14.65 10.11
CA GLY A 211 5.60 -13.59 11.03
C GLY A 211 5.06 -12.23 10.63
N GLY A 212 5.84 -11.19 10.89
CA GLY A 212 5.40 -9.84 10.57
C GLY A 212 4.17 -9.50 11.39
N ALA A 213 3.67 -8.27 11.22
CA ALA A 213 2.48 -7.82 11.92
C ALA A 213 1.82 -6.77 11.07
N LEU A 214 0.66 -6.30 11.52
CA LEU A 214 -0.05 -5.27 10.80
C LEU A 214 0.41 -3.91 11.31
N VAL A 215 0.61 -2.97 10.38
CA VAL A 215 1.06 -1.63 10.71
C VAL A 215 0.30 -0.56 9.93
N ARG A 216 -0.12 0.47 10.65
CA ARG A 216 -0.87 1.57 10.05
C ARG A 216 0.10 2.65 9.56
N ASN A 217 -0.07 3.05 8.30
CA ASN A 217 0.78 4.07 7.68
C ASN A 217 0.11 5.45 7.83
N PRO A 218 0.80 6.42 8.46
CA PRO A 218 0.20 7.75 8.64
C PRO A 218 -0.28 8.47 7.38
N LEU A 219 0.21 8.05 6.23
CA LEU A 219 -0.19 8.67 4.98
C LEU A 219 -1.56 8.16 4.47
N SER A 220 -2.14 7.19 5.15
CA SER A 220 -3.44 6.65 4.76
C SER A 220 -4.53 7.63 5.20
N ARG A 221 -5.65 7.66 4.48
CA ARG A 221 -6.75 8.56 4.82
C ARG A 221 -7.66 7.89 5.86
N ASN A 222 -8.39 8.69 6.62
CA ASN A 222 -9.27 8.16 7.66
C ASN A 222 -10.46 7.39 7.11
N SER A 223 -10.72 7.56 5.82
CA SER A 223 -11.85 6.90 5.14
C SER A 223 -11.55 5.43 4.91
N THR A 224 -10.31 5.03 5.14
CA THR A 224 -9.90 3.64 4.98
C THR A 224 -9.26 3.12 6.26
N HIS A 225 -9.62 1.91 6.65
CA HIS A 225 -9.10 1.28 7.86
C HIS A 225 -7.95 0.36 7.45
N GLU A 226 -7.34 0.65 6.31
CA GLU A 226 -6.24 -0.16 5.77
C GLU A 226 -5.00 -0.21 6.66
N MET A 227 -4.43 -1.40 6.74
CA MET A 227 -3.21 -1.62 7.51
C MET A 227 -2.38 -2.54 6.64
N TYR A 228 -1.06 -2.38 6.65
CA TYR A 228 -0.18 -3.22 5.83
C TYR A 228 0.52 -4.30 6.63
N TRP A 229 0.50 -5.51 6.08
CA TRP A 229 1.17 -6.62 6.72
C TRP A 229 2.61 -6.51 6.25
N VAL A 230 3.49 -6.13 7.16
CA VAL A 230 4.91 -5.98 6.86
C VAL A 230 5.71 -7.03 7.62
N SER A 231 6.72 -7.58 6.97
CA SER A 231 7.55 -8.62 7.58
C SER A 231 8.19 -8.12 8.88
N ASN A 232 9.15 -7.21 8.74
CA ASN A 232 10.06 -6.89 9.84
C ASN A 232 9.39 -6.18 11.00
N ALA A 233 8.31 -6.73 11.52
CA ALA A 233 7.61 -6.09 12.62
C ALA A 233 6.67 -7.06 13.31
N SER A 234 6.63 -6.99 14.63
CA SER A 234 5.78 -7.88 15.39
C SER A 234 4.64 -7.13 16.07
N GLY A 235 3.70 -7.90 16.60
CA GLY A 235 2.55 -7.30 17.28
C GLY A 235 1.32 -8.16 17.16
N ASN A 236 0.62 -8.34 18.28
CA ASN A 236 -0.59 -9.14 18.26
C ASN A 236 -1.59 -8.49 17.28
N ILE A 237 -2.01 -9.30 16.31
CA ILE A 237 -2.95 -8.87 15.28
C ILE A 237 -4.24 -8.24 15.80
N VAL A 238 -4.92 -8.92 16.70
CA VAL A 238 -6.17 -8.41 17.26
C VAL A 238 -5.94 -7.07 17.97
N SER A 239 -4.84 -7.01 18.73
CA SER A 239 -4.47 -5.82 19.46
C SER A 239 -4.14 -4.65 18.52
N SER A 240 -3.39 -4.95 17.45
CA SER A 240 -2.99 -3.94 16.47
C SER A 240 -4.15 -3.42 15.62
N VAL A 241 -5.18 -4.22 15.43
CA VAL A 241 -6.31 -3.78 14.62
C VAL A 241 -7.24 -2.89 15.44
N ASN A 242 -7.34 -3.15 16.73
CA ASN A 242 -8.23 -2.37 17.59
C ASN A 242 -7.71 -0.99 17.92
N MET A 243 -6.39 -0.83 17.97
CA MET A 243 -5.79 0.47 18.25
C MET A 243 -6.08 1.46 17.12
N ILE A 244 -6.26 0.93 15.91
CA ILE A 244 -6.63 1.73 14.76
C ILE A 244 -8.13 2.03 14.71
N SER A 245 -8.95 1.04 15.10
CA SER A 245 -10.40 1.23 15.12
C SER A 245 -10.67 2.41 16.05
N ARG A 246 -10.05 2.38 17.23
CA ARG A 246 -10.25 3.46 18.20
C ARG A 246 -9.73 4.80 17.68
N MET A 247 -8.55 4.78 17.06
CA MET A 247 -7.98 6.02 16.55
C MET A 247 -8.95 6.67 15.55
N LEU A 248 -9.39 5.89 14.57
CA LEU A 248 -10.30 6.39 13.55
C LEU A 248 -11.58 6.96 14.16
N ILE A 249 -12.09 6.30 15.20
CA ILE A 249 -13.31 6.77 15.86
C ILE A 249 -13.03 8.05 16.62
N ASN A 250 -11.86 8.14 17.25
CA ASN A 250 -11.55 9.35 17.99
C ASN A 250 -11.52 10.52 17.01
N ARG A 251 -10.92 10.29 15.85
CA ARG A 251 -10.81 11.30 14.82
C ARG A 251 -12.13 11.78 14.19
N PHE A 252 -13.23 11.10 14.53
CA PHE A 252 -14.55 11.51 14.02
C PHE A 252 -14.89 12.87 14.60
N THR A 253 -14.50 13.09 15.85
CA THR A 253 -14.76 14.35 16.52
C THR A 253 -13.43 15.07 16.69
N MET A 254 -13.14 16.02 15.80
CA MET A 254 -11.86 16.73 15.82
C MET A 254 -12.01 18.24 15.94
N ARG A 255 -11.02 18.88 16.54
CA ARG A 255 -10.81 20.32 16.41
C ARG A 255 -9.37 20.63 16.00
N HIS A 256 -9.21 21.36 14.91
CA HIS A 256 -7.97 21.36 14.16
C HIS A 256 -7.88 20.16 13.22
N LYS A 257 -8.90 19.99 12.39
CA LYS A 257 -8.91 18.92 11.40
C LYS A 257 -8.13 19.32 10.15
N LYS A 258 -6.81 19.48 10.31
CA LYS A 258 -5.94 19.81 9.20
C LYS A 258 -4.88 18.74 9.00
N ALA A 259 -4.46 18.55 7.76
CA ALA A 259 -3.42 17.56 7.46
C ALA A 259 -2.08 18.26 7.44
N THR A 260 -1.03 17.55 7.81
CA THR A 260 0.30 18.14 7.80
C THR A 260 0.99 17.53 6.60
N TYR A 261 1.58 18.39 5.76
CA TYR A 261 2.24 17.89 4.57
C TYR A 261 3.73 17.71 4.75
N GLU A 262 4.32 17.06 3.76
CA GLU A 262 5.75 16.84 3.73
C GLU A 262 6.19 16.74 2.29
N PRO A 263 7.43 17.17 2.00
CA PRO A 263 7.96 17.12 0.64
C PRO A 263 7.80 15.73 0.06
N ASP A 264 7.72 15.65 -1.25
CA ASP A 264 7.56 14.36 -1.90
C ASP A 264 8.92 13.68 -2.09
N VAL A 265 8.87 12.42 -2.49
CA VAL A 265 10.07 11.65 -2.73
C VAL A 265 10.69 12.06 -4.06
N ASP A 266 12.01 12.16 -4.09
CA ASP A 266 12.69 12.49 -5.34
C ASP A 266 13.43 11.20 -5.72
N LEU A 267 13.03 10.61 -6.84
CA LEU A 267 13.60 9.36 -7.32
C LEU A 267 14.81 9.47 -8.26
N GLY A 268 15.52 10.60 -8.19
CA GLY A 268 16.68 10.79 -9.02
C GLY A 268 16.43 10.60 -10.50
N SER A 269 17.34 9.87 -11.16
CA SER A 269 17.24 9.60 -12.58
C SER A 269 18.43 8.79 -13.05
N GLY A 270 18.41 8.38 -14.33
CA GLY A 270 19.51 7.60 -14.87
C GLY A 270 19.54 6.13 -14.53
N THR A 271 20.36 5.38 -15.27
CA THR A 271 20.49 3.94 -15.07
C THR A 271 21.34 3.53 -13.87
N ARG A 272 21.33 2.23 -13.58
CA ARG A 272 22.08 1.66 -12.47
C ARG A 272 22.84 0.38 -12.90
N ASN A 273 24.10 0.24 -12.47
CA ASN A 273 24.91 -0.94 -12.82
C ASN A 273 25.05 -1.92 -11.65
N ILE A 274 25.28 -3.19 -11.97
CA ILE A 274 25.44 -4.21 -10.92
C ILE A 274 26.75 -4.99 -11.11
#